data_1U67
#
_entry.id   1U67
#
_cell.length_a   181.879
_cell.length_b   181.879
_cell.length_c   103.368
_cell.angle_alpha   90
_cell.angle_beta   90
_cell.angle_gamma   120
#
_symmetry.space_group_name_H-M   'P 65 2 2'
#
loop_
_entity.id
_entity.type
_entity.pdbx_description
1 polymer 'Prostaglandin G/H synthase 1 precursor'
2 branched 2-acetamido-2-deoxy-alpha-D-glucopyranose-(1-4)-2-acetamido-2-deoxy-beta-D-glucopyranose
3 branched beta-D-mannopyranose-(1-6)-beta-D-mannopyranose-(1-4)-2-acetamido-2-deoxy-beta-D-glucopyranose-(1-4)-2-acetamido-2-deoxy-beta-D-glucopyranose
4 non-polymer 'octyl beta-D-glucopyranoside'
5 non-polymer 'PROTOPORPHYRIN IX CONTAINING CO'
6 non-polymer 'ARACHIDONIC ACID'
7 water water
#
_entity_poly.entity_id   1
_entity_poly.type   'polypeptide(L)'
_entity_poly.pdbx_seq_one_letter_code
;MSRQSISLRFPLLLLLLSPSPVFSADPGAPAPVNPCCYYPCQHQGICVRFGLDRYQCDCTRTGYSGPNCTIPEIWTWLRT
TLRPSPSFIHFLLTHGRWLWDFVNATFIRDTLMRLVLTVRSNLIPSPPTYNIAHDYISWESFSNVSYYTRILPSVPRDCP
TPMGTKGKKQLPDAEFLSRRFLLRRKFIPDPQGTNLMFAFFAQHFTHQFFKTSGKMGPGFTKALGHGVDLGHIYGDNLER
QYQLRLFKDGKLKYQMLNGEVYPPSVEEAPVLMHYPRGIPPQSQMAVGQEVFGLLPGLMLYATIWLREHNRVCDLLKAEH
PTWGDEQLFQTARLILIGETIKIVIEEYAQQLSGYFLQLKFDPELLFGAQFQYRNRIAMEFNQLYHFHPLMPDSFRVGPQ
DYSYEQFLFNTSMLVDYGVEALVDAFSRQPAGRIGGGRNIDHHILHVAVDVIKESRVLRLQPFNEYRKRFGMKPYTSFQE
LTGEKEMAAELEELYGDIDALEFYPGLLLEKCHPNSIFGESMIEMGAPFSLKGLLGNPICSPEYWKASTFGGEVGFNLVK
TATLKKLVCLNTKTCPYVSFHVPDPRQEDRPGVERPPTEL
;
_entity_poly.pdbx_strand_id   A
#
# COMPACT_ATOMS: atom_id res chain seq x y z
N PRO A 32 -6.42 37.33 -15.03
CA PRO A 32 -6.16 37.37 -13.57
C PRO A 32 -5.63 36.04 -13.02
N VAL A 33 -5.51 35.97 -11.70
CA VAL A 33 -5.04 34.76 -11.03
C VAL A 33 -6.18 33.82 -10.65
N ASN A 34 -6.11 32.56 -11.10
CA ASN A 34 -7.12 31.56 -10.77
C ASN A 34 -7.19 31.54 -9.26
N PRO A 35 -8.26 32.12 -8.67
CA PRO A 35 -8.42 32.17 -7.22
C PRO A 35 -8.22 30.88 -6.44
N CYS A 36 -8.48 29.72 -7.06
CA CYS A 36 -8.28 28.47 -6.34
C CYS A 36 -6.81 28.07 -6.29
N CYS A 37 -5.92 28.99 -6.66
CA CYS A 37 -4.50 28.70 -6.65
C CYS A 37 -3.90 28.90 -5.27
N TYR A 38 -4.69 29.51 -4.38
CA TYR A 38 -4.22 29.73 -3.02
C TYR A 38 -4.72 28.62 -2.12
N TYR A 39 -5.63 27.81 -2.65
CA TYR A 39 -6.21 26.71 -1.89
C TYR A 39 -6.85 27.41 -0.70
N PRO A 40 -7.78 28.31 -0.99
CA PRO A 40 -8.49 29.07 0.03
C PRO A 40 -9.41 28.21 0.88
N CYS A 41 -10.08 27.26 0.24
CA CYS A 41 -11.02 26.42 0.97
C CYS A 41 -10.34 25.46 1.92
N GLN A 42 -10.84 25.47 3.17
CA GLN A 42 -10.35 24.66 4.29
C GLN A 42 -11.27 23.50 4.68
N HIS A 43 -10.66 22.46 5.24
CA HIS A 43 -11.39 21.29 5.73
C HIS A 43 -12.20 20.57 4.67
N GLN A 44 -11.62 20.43 3.49
CA GLN A 44 -12.30 19.74 2.40
C GLN A 44 -13.37 20.54 1.69
N GLY A 45 -13.35 21.85 1.84
CA GLY A 45 -14.31 22.71 1.17
C GLY A 45 -14.01 22.83 -0.32
N ILE A 46 -15.01 22.57 -1.15
CA ILE A 46 -14.83 22.64 -2.60
C ILE A 46 -14.66 24.05 -3.14
N CYS A 47 -13.57 24.28 -3.84
CA CYS A 47 -13.31 25.60 -4.44
C CYS A 47 -13.89 25.63 -5.85
N VAL A 48 -14.56 26.73 -6.20
CA VAL A 48 -15.13 26.85 -7.54
C VAL A 48 -15.28 28.27 -8.07
N ARG A 49 -14.69 28.50 -9.24
CA ARG A 49 -14.71 29.80 -9.91
C ARG A 49 -16.12 30.19 -10.28
N PHE A 50 -16.45 31.45 -10.04
CA PHE A 50 -17.75 32.02 -10.35
C PHE A 50 -17.43 33.32 -11.04
N GLY A 51 -18.10 33.61 -12.16
CA GLY A 51 -17.79 34.83 -12.87
C GLY A 51 -16.42 34.66 -13.49
N LEU A 52 -15.64 35.73 -13.57
CA LEU A 52 -14.31 35.66 -14.18
C LEU A 52 -13.15 35.53 -13.21
N ASP A 53 -13.23 36.26 -12.10
CA ASP A 53 -12.16 36.25 -11.09
C ASP A 53 -12.57 35.84 -9.70
N ARG A 54 -13.84 35.52 -9.51
CA ARG A 54 -14.34 35.12 -8.20
C ARG A 54 -14.34 33.62 -7.94
N TYR A 55 -14.49 33.26 -6.67
CA TYR A 55 -14.53 31.86 -6.25
C TYR A 55 -15.48 31.68 -5.05
N GLN A 56 -15.88 30.44 -4.82
CA GLN A 56 -16.76 30.09 -3.71
C GLN A 56 -16.38 28.75 -3.08
N CYS A 57 -16.48 28.67 -1.75
CA CYS A 57 -16.18 27.42 -1.08
C CYS A 57 -17.50 26.73 -0.74
N ASP A 58 -17.50 25.41 -0.89
CA ASP A 58 -18.65 24.58 -0.63
C ASP A 58 -18.36 23.83 0.67
N CYS A 59 -18.69 24.49 1.79
CA CYS A 59 -18.42 23.90 3.10
C CYS A 59 -19.47 22.89 3.49
N THR A 60 -20.33 22.52 2.55
CA THR A 60 -21.37 21.53 2.82
C THR A 60 -20.79 20.35 3.59
N ARG A 61 -21.37 20.08 4.77
CA ARG A 61 -20.90 19.01 5.64
C ARG A 61 -19.40 19.11 5.92
N THR A 62 -18.80 20.23 5.52
CA THR A 62 -17.38 20.45 5.73
C THR A 62 -17.21 20.32 7.24
N GLY A 63 -18.22 20.78 7.95
CA GLY A 63 -18.18 20.76 9.39
C GLY A 63 -17.92 22.19 9.80
N TYR A 64 -17.73 23.04 8.79
CA TYR A 64 -17.47 24.45 9.00
C TYR A 64 -18.40 25.30 8.13
N SER A 65 -18.58 26.55 8.52
CA SER A 65 -19.41 27.49 7.78
C SER A 65 -18.54 28.65 7.37
N GLY A 66 -19.03 29.46 6.45
CA GLY A 66 -18.27 30.63 6.02
C GLY A 66 -17.67 30.64 4.62
N PRO A 67 -17.06 31.78 4.24
CA PRO A 67 -16.42 32.01 2.96
C PRO A 67 -15.39 30.96 2.60
N ASN A 68 -14.44 30.70 3.51
CA ASN A 68 -13.38 29.73 3.27
C ASN A 68 -13.52 28.46 4.14
N CYS A 69 -14.67 28.28 4.76
CA CYS A 69 -14.90 27.13 5.63
C CYS A 69 -13.98 27.19 6.85
N THR A 70 -14.08 28.28 7.62
CA THR A 70 -13.26 28.44 8.80
C THR A 70 -14.05 28.96 9.99
N ILE A 71 -15.17 28.31 10.26
CA ILE A 71 -16.01 28.68 11.39
C ILE A 71 -16.65 27.39 11.87
N PRO A 72 -16.07 26.75 12.88
CA PRO A 72 -16.60 25.50 13.41
C PRO A 72 -18.00 25.68 13.95
N GLU A 73 -18.84 24.65 13.75
CA GLU A 73 -20.19 24.68 14.26
C GLU A 73 -19.98 24.27 15.71
N ILE A 74 -20.94 24.61 16.56
CA ILE A 74 -20.89 24.30 17.97
C ILE A 74 -20.18 22.97 18.22
N TRP A 75 -20.68 21.90 17.61
CA TRP A 75 -20.12 20.58 17.80
C TRP A 75 -18.72 20.42 17.27
N THR A 76 -18.52 20.61 15.97
CA THR A 76 -17.18 20.44 15.42
C THR A 76 -16.19 21.25 16.26
N TRP A 77 -16.63 22.36 16.81
CA TRP A 77 -15.74 23.15 17.65
C TRP A 77 -15.39 22.34 18.92
N LEU A 78 -16.36 21.61 19.46
CA LEU A 78 -16.11 20.77 20.63
C LEU A 78 -15.12 19.71 20.21
N ARG A 79 -15.49 19.03 19.12
CA ARG A 79 -14.67 17.98 18.58
C ARG A 79 -13.23 18.44 18.46
N THR A 80 -13.00 19.56 17.78
CA THR A 80 -11.64 20.06 17.60
C THR A 80 -10.90 20.57 18.85
N THR A 81 -11.63 20.93 19.90
CA THR A 81 -10.98 21.40 21.13
C THR A 81 -10.62 20.22 22.03
N LEU A 82 -11.53 19.25 22.13
CA LEU A 82 -11.28 18.06 22.95
C LEU A 82 -10.50 17.03 22.13
N ARG A 83 -9.89 17.48 21.04
CA ARG A 83 -9.13 16.58 20.19
C ARG A 83 -7.63 16.66 20.41
N PRO A 84 -7.03 15.55 20.85
CA PRO A 84 -5.57 15.48 21.10
C PRO A 84 -4.70 15.44 19.84
N SER A 85 -3.42 15.74 20.03
CA SER A 85 -2.42 15.75 18.98
C SER A 85 -2.26 14.35 18.40
N PRO A 86 -2.18 14.25 17.07
CA PRO A 86 -2.02 12.93 16.48
C PRO A 86 -0.72 12.33 17.04
N SER A 87 0.24 13.21 17.29
CA SER A 87 1.54 12.86 17.85
C SER A 87 1.41 12.23 19.24
N PHE A 88 0.36 12.62 19.97
CA PHE A 88 0.11 12.12 21.33
C PHE A 88 -0.54 10.73 21.30
N ILE A 89 -1.55 10.59 20.44
CA ILE A 89 -2.26 9.32 20.29
C ILE A 89 -1.24 8.25 19.92
N HIS A 90 -0.23 8.64 19.14
CA HIS A 90 0.81 7.71 18.74
C HIS A 90 1.50 7.32 20.01
N PHE A 91 1.79 8.32 20.84
CA PHE A 91 2.46 8.08 22.10
C PHE A 91 1.79 6.98 22.91
N LEU A 92 0.46 7.07 23.03
CA LEU A 92 -0.26 6.09 23.81
C LEU A 92 -0.10 4.73 23.19
N LEU A 93 -0.55 4.60 21.94
CA LEU A 93 -0.46 3.33 21.22
C LEU A 93 0.90 2.64 21.30
N THR A 94 1.93 3.36 21.72
CA THR A 94 3.25 2.80 21.83
C THR A 94 3.89 2.83 23.22
N HIS A 95 3.10 2.89 24.29
CA HIS A 95 3.73 2.96 25.62
C HIS A 95 3.18 2.16 26.80
N GLY A 96 1.86 2.02 26.88
CA GLY A 96 1.30 1.31 28.00
C GLY A 96 1.48 -0.20 28.07
N ARG A 97 2.73 -0.67 28.16
CA ARG A 97 2.96 -2.10 28.23
C ARG A 97 1.81 -2.79 28.97
N TRP A 98 1.54 -2.34 30.21
CA TRP A 98 0.49 -2.92 31.04
C TRP A 98 -0.93 -2.55 30.66
N LEU A 99 -1.22 -1.26 30.59
CA LEU A 99 -2.56 -0.83 30.23
C LEU A 99 -3.01 -1.57 28.96
N TRP A 100 -2.08 -1.75 28.02
CA TRP A 100 -2.39 -2.43 26.75
C TRP A 100 -2.54 -3.94 26.82
N ASP A 101 -1.74 -4.59 27.65
CA ASP A 101 -1.84 -6.04 27.78
C ASP A 101 -3.26 -6.35 28.29
N PHE A 102 -3.84 -5.39 29.01
CA PHE A 102 -5.19 -5.51 29.58
C PHE A 102 -6.28 -5.06 28.61
N VAL A 103 -6.08 -3.92 27.96
CA VAL A 103 -7.08 -3.46 27.00
C VAL A 103 -7.14 -4.54 25.91
N ASN A 104 -6.00 -5.19 25.66
CA ASN A 104 -5.89 -6.23 24.64
C ASN A 104 -6.62 -7.53 24.95
N ALA A 105 -6.85 -7.82 26.22
CA ALA A 105 -7.52 -9.06 26.61
C ALA A 105 -8.99 -8.86 26.94
N THR A 106 -9.51 -7.69 26.58
CA THR A 106 -10.92 -7.40 26.84
C THR A 106 -11.51 -6.76 25.60
N PHE A 107 -12.80 -6.43 25.68
CA PHE A 107 -13.52 -5.82 24.58
C PHE A 107 -12.96 -4.44 24.26
N ILE A 108 -12.31 -3.81 25.24
CA ILE A 108 -11.74 -2.49 25.03
C ILE A 108 -10.85 -2.55 23.77
N ARG A 109 -10.65 -3.77 23.27
CA ARG A 109 -9.83 -4.04 22.09
C ARG A 109 -10.58 -3.81 20.80
N ASP A 110 -11.69 -4.53 20.65
CA ASP A 110 -12.52 -4.41 19.45
C ASP A 110 -13.02 -2.98 19.35
N THR A 111 -13.33 -2.38 20.49
CA THR A 111 -13.84 -1.01 20.52
C THR A 111 -12.88 -0.01 19.89
N LEU A 112 -11.60 -0.18 20.16
CA LEU A 112 -10.60 0.69 19.58
C LEU A 112 -10.45 0.30 18.09
N MET A 113 -10.19 -0.99 17.85
CA MET A 113 -10.04 -1.50 16.51
C MET A 113 -11.16 -0.99 15.64
N ARG A 114 -12.37 -1.06 16.17
CA ARG A 114 -13.55 -0.61 15.45
C ARG A 114 -13.51 0.89 15.31
N LEU A 115 -12.76 1.52 16.18
CA LEU A 115 -12.69 2.96 16.16
C LEU A 115 -11.62 3.36 15.16
N VAL A 116 -10.46 2.73 15.29
CA VAL A 116 -9.33 2.99 14.42
C VAL A 116 -9.80 2.88 12.95
N LEU A 117 -10.62 1.87 12.67
CA LEU A 117 -11.17 1.65 11.33
C LEU A 117 -12.03 2.83 10.93
N THR A 118 -13.27 2.86 11.36
CA THR A 118 -14.19 3.95 11.03
C THR A 118 -13.55 5.33 10.90
N VAL A 119 -12.91 5.82 11.96
CA VAL A 119 -12.29 7.13 11.92
C VAL A 119 -11.31 7.28 10.78
N ARG A 120 -10.37 6.33 10.71
CA ARG A 120 -9.35 6.34 9.69
C ARG A 120 -9.94 6.42 8.27
N SER A 121 -10.67 5.38 7.89
CA SER A 121 -11.26 5.30 6.57
C SER A 121 -12.35 6.31 6.26
N ASN A 122 -12.62 7.21 7.19
CA ASN A 122 -13.68 8.17 6.95
C ASN A 122 -13.06 9.34 6.19
N LEU A 123 -11.72 9.35 6.15
CA LEU A 123 -11.01 10.42 5.49
C LEU A 123 -10.80 10.16 4.00
N ILE A 124 -11.35 9.06 3.53
CA ILE A 124 -11.21 8.72 2.14
C ILE A 124 -12.58 8.87 1.50
N PRO A 125 -12.69 9.74 0.49
CA PRO A 125 -13.97 9.95 -0.18
C PRO A 125 -14.46 8.65 -0.80
N SER A 126 -15.75 8.36 -0.61
CA SER A 126 -16.36 7.14 -1.14
C SER A 126 -17.87 7.32 -1.28
N PRO A 127 -18.40 7.28 -2.51
CA PRO A 127 -17.74 7.12 -3.81
C PRO A 127 -16.56 8.06 -4.04
N PRO A 128 -15.63 7.69 -4.93
CA PRO A 128 -14.42 8.47 -5.28
C PRO A 128 -14.68 9.81 -5.96
N THR A 129 -13.68 10.69 -5.93
CA THR A 129 -13.87 12.02 -6.48
C THR A 129 -13.20 12.48 -7.78
N TYR A 130 -11.88 12.50 -7.86
CA TYR A 130 -11.27 12.99 -9.08
C TYR A 130 -10.27 12.05 -9.76
N ASN A 131 -9.59 12.58 -10.79
CA ASN A 131 -8.59 11.82 -11.56
C ASN A 131 -7.60 12.70 -12.35
N ILE A 132 -6.75 12.07 -13.15
CA ILE A 132 -5.76 12.80 -13.95
C ILE A 132 -6.44 13.79 -14.89
N ALA A 133 -7.70 13.53 -15.19
CA ALA A 133 -8.46 14.35 -16.13
C ALA A 133 -9.58 15.22 -15.58
N HIS A 134 -10.00 14.99 -14.34
CA HIS A 134 -11.09 15.78 -13.77
C HIS A 134 -10.85 16.30 -12.34
N ASP A 135 -10.81 17.64 -12.20
CA ASP A 135 -10.61 18.29 -10.90
C ASP A 135 -11.97 18.64 -10.32
N TYR A 136 -12.96 17.84 -10.70
CA TYR A 136 -14.33 18.03 -10.24
C TYR A 136 -15.08 16.71 -10.26
N ILE A 137 -16.24 16.72 -9.61
CA ILE A 137 -17.09 15.54 -9.52
C ILE A 137 -17.62 15.23 -10.91
N SER A 138 -17.63 13.94 -11.30
CA SER A 138 -18.11 13.57 -12.63
C SER A 138 -18.47 12.11 -12.78
N TRP A 139 -19.42 11.85 -13.66
CA TRP A 139 -19.86 10.50 -13.92
C TRP A 139 -18.74 9.68 -14.54
N GLU A 140 -17.96 10.30 -15.41
CA GLU A 140 -16.86 9.58 -16.05
C GLU A 140 -15.94 9.12 -14.93
N SER A 141 -15.53 10.05 -14.08
CA SER A 141 -14.63 9.72 -12.98
C SER A 141 -15.19 8.57 -12.19
N PHE A 142 -16.50 8.61 -11.95
CA PHE A 142 -17.15 7.57 -11.20
C PHE A 142 -17.05 6.20 -11.84
N SER A 143 -17.39 6.12 -13.13
CA SER A 143 -17.39 4.83 -13.86
C SER A 143 -16.17 4.39 -14.64
N ASN A 144 -15.30 5.33 -15.02
CA ASN A 144 -14.11 4.92 -15.78
C ASN A 144 -12.98 4.35 -14.91
N VAL A 145 -13.13 3.08 -14.54
CA VAL A 145 -12.17 2.36 -13.69
C VAL A 145 -10.73 2.56 -14.12
N SER A 146 -10.53 2.83 -15.40
CA SER A 146 -9.21 3.03 -15.97
C SER A 146 -8.36 4.00 -15.16
N TYR A 147 -9.00 5.02 -14.59
CA TYR A 147 -8.31 6.04 -13.81
C TYR A 147 -7.93 5.67 -12.37
N TYR A 148 -6.86 6.30 -11.88
CA TYR A 148 -6.45 6.17 -10.50
C TYR A 148 -7.25 7.36 -9.96
N THR A 149 -7.37 7.53 -8.64
CA THR A 149 -8.12 8.69 -8.20
C THR A 149 -7.38 9.54 -7.20
N ARG A 150 -7.79 10.79 -7.05
CA ARG A 150 -7.11 11.67 -6.10
C ARG A 150 -7.98 12.16 -4.93
N ILE A 151 -7.32 12.58 -3.86
CA ILE A 151 -8.03 13.05 -2.68
C ILE A 151 -8.21 14.55 -2.81
N LEU A 152 -7.11 15.21 -3.18
CA LEU A 152 -7.12 16.65 -3.37
C LEU A 152 -7.15 16.80 -4.88
N PRO A 153 -7.69 17.93 -5.35
CA PRO A 153 -7.71 18.11 -6.81
C PRO A 153 -6.25 18.28 -7.23
N SER A 154 -6.01 18.74 -8.45
CA SER A 154 -4.64 18.93 -8.89
C SER A 154 -4.29 20.40 -8.75
N VAL A 155 -3.04 20.75 -9.03
CA VAL A 155 -2.64 22.15 -8.95
C VAL A 155 -3.06 22.77 -10.26
N PRO A 156 -4.04 23.66 -10.22
CA PRO A 156 -4.51 24.31 -11.45
C PRO A 156 -3.37 24.55 -12.44
N ARG A 157 -3.53 24.00 -13.64
CA ARG A 157 -2.52 24.12 -14.69
C ARG A 157 -2.12 25.57 -14.99
N ASP A 158 -2.97 26.51 -14.60
CA ASP A 158 -2.68 27.92 -14.84
C ASP A 158 -2.38 28.71 -13.58
N CYS A 159 -1.56 28.13 -12.71
CA CYS A 159 -1.19 28.82 -11.48
C CYS A 159 0.24 29.28 -11.62
N PRO A 160 0.61 30.37 -10.92
CA PRO A 160 1.95 30.96 -10.91
C PRO A 160 3.01 29.88 -10.68
N THR A 161 3.20 29.51 -9.41
CA THR A 161 4.17 28.47 -9.07
C THR A 161 3.58 27.15 -9.55
N PRO A 162 4.43 26.16 -9.86
CA PRO A 162 3.97 24.85 -10.33
C PRO A 162 3.32 24.09 -9.18
N MET A 163 3.48 24.66 -7.98
CA MET A 163 2.93 24.11 -6.74
C MET A 163 1.70 24.89 -6.30
N GLY A 164 1.53 26.09 -6.86
CA GLY A 164 0.37 26.89 -6.50
C GLY A 164 0.57 28.39 -6.55
N THR A 165 1.07 28.96 -5.46
CA THR A 165 1.29 30.40 -5.38
C THR A 165 2.66 30.73 -4.80
N LYS A 166 3.12 29.86 -3.91
CA LYS A 166 4.40 30.04 -3.22
C LYS A 166 5.52 29.14 -3.74
N GLY A 167 6.76 29.61 -3.59
CA GLY A 167 7.90 28.83 -4.05
C GLY A 167 8.59 29.44 -5.26
N LYS A 168 9.61 28.78 -5.78
CA LYS A 168 10.34 29.27 -6.95
C LYS A 168 9.65 28.67 -8.17
N LYS A 169 9.48 29.45 -9.23
CA LYS A 169 8.80 28.98 -10.44
C LYS A 169 9.49 27.79 -11.12
N GLN A 170 10.44 27.18 -10.40
CA GLN A 170 11.16 26.01 -10.91
C GLN A 170 11.38 25.05 -9.76
N LEU A 171 10.76 23.87 -9.85
CA LEU A 171 10.89 22.87 -8.82
C LEU A 171 12.31 22.30 -8.87
N PRO A 172 12.83 21.88 -7.72
CA PRO A 172 14.19 21.31 -7.64
C PRO A 172 14.51 20.26 -8.71
N ASP A 173 15.70 20.34 -9.29
CA ASP A 173 16.11 19.39 -10.30
C ASP A 173 15.91 17.98 -9.74
N ALA A 174 14.80 17.37 -10.15
CA ALA A 174 14.40 16.05 -9.71
C ALA A 174 15.53 15.06 -9.40
N GLU A 175 16.37 14.75 -10.39
CA GLU A 175 17.47 13.80 -10.20
C GLU A 175 18.42 14.23 -9.08
N PHE A 176 18.61 15.53 -8.92
CA PHE A 176 19.48 16.05 -7.88
C PHE A 176 18.93 15.58 -6.53
N LEU A 177 17.79 16.15 -6.13
CA LEU A 177 17.10 15.81 -4.87
C LEU A 177 17.30 14.34 -4.52
N SER A 178 16.94 13.47 -5.44
CA SER A 178 17.06 12.04 -5.25
C SER A 178 18.43 11.60 -4.73
N ARG A 179 19.51 12.18 -5.25
CA ARG A 179 20.84 11.79 -4.80
C ARG A 179 21.25 12.56 -3.55
N ARG A 180 20.82 13.82 -3.51
CA ARG A 180 21.11 14.75 -2.42
C ARG A 180 20.50 14.39 -1.07
N PHE A 181 19.26 13.90 -1.09
CA PHE A 181 18.56 13.57 0.15
C PHE A 181 18.02 12.17 0.30
N LEU A 182 17.62 11.52 -0.79
CA LEU A 182 17.09 10.16 -0.69
C LEU A 182 18.14 9.08 -0.94
N LEU A 183 19.23 9.41 -1.62
CA LEU A 183 20.26 8.42 -1.92
C LEU A 183 20.95 7.88 -0.68
N ARG A 184 20.91 6.57 -0.53
CA ARG A 184 21.53 5.90 0.61
C ARG A 184 23.03 6.22 0.70
N ARG A 185 23.56 6.17 1.92
CA ARG A 185 24.99 6.39 2.16
C ARG A 185 25.32 5.12 2.93
N LYS A 186 25.14 5.21 4.25
CA LYS A 186 25.37 4.08 5.12
C LYS A 186 23.97 3.52 5.32
N PHE A 187 23.84 2.20 5.26
CA PHE A 187 22.56 1.53 5.41
C PHE A 187 21.96 1.72 6.81
N ILE A 188 20.95 2.59 6.93
CA ILE A 188 20.28 2.80 8.21
C ILE A 188 19.12 1.80 8.23
N PRO A 189 19.24 0.72 9.00
CA PRO A 189 18.20 -0.31 9.10
C PRO A 189 16.97 0.07 9.92
N ASP A 190 15.87 -0.63 9.69
CA ASP A 190 14.64 -0.36 10.42
C ASP A 190 14.80 -0.66 11.90
N PRO A 191 14.67 0.38 12.74
CA PRO A 191 14.81 0.18 14.17
C PRO A 191 13.73 -0.75 14.71
N GLN A 192 12.63 -0.90 13.98
CA GLN A 192 11.50 -1.74 14.41
C GLN A 192 11.67 -3.24 14.25
N GLY A 193 12.79 -3.67 13.69
CA GLY A 193 13.04 -5.09 13.51
C GLY A 193 12.54 -5.74 12.21
N THR A 194 11.99 -4.93 11.32
CA THR A 194 11.47 -5.43 10.04
C THR A 194 12.53 -6.19 9.25
N ASN A 195 12.08 -7.12 8.40
CA ASN A 195 13.00 -7.92 7.59
C ASN A 195 12.55 -7.98 6.13
N LEU A 196 13.41 -8.55 5.28
CA LEU A 196 13.11 -8.66 3.87
C LEU A 196 11.95 -9.61 3.62
N MET A 197 11.72 -10.56 4.53
CA MET A 197 10.61 -11.47 4.34
C MET A 197 9.38 -10.60 4.26
N PHE A 198 9.40 -9.48 5.00
CA PHE A 198 8.31 -8.50 5.02
C PHE A 198 8.38 -7.64 3.75
N ALA A 199 9.56 -7.10 3.50
CA ALA A 199 9.77 -6.24 2.34
C ALA A 199 9.17 -6.80 1.05
N PHE A 200 9.46 -8.06 0.76
CA PHE A 200 8.93 -8.65 -0.46
C PHE A 200 7.42 -8.76 -0.42
N PHE A 201 6.88 -9.28 0.68
CA PHE A 201 5.43 -9.38 0.78
C PHE A 201 4.84 -8.03 0.42
N ALA A 202 5.36 -7.01 1.08
CA ALA A 202 4.94 -5.64 0.85
C ALA A 202 4.88 -5.41 -0.65
N GLN A 203 6.00 -5.63 -1.33
CA GLN A 203 6.08 -5.44 -2.77
C GLN A 203 5.05 -6.28 -3.50
N HIS A 204 5.18 -7.59 -3.35
CA HIS A 204 4.27 -8.52 -3.97
C HIS A 204 2.86 -7.96 -3.80
N PHE A 205 2.33 -8.06 -2.58
CA PHE A 205 1.01 -7.56 -2.23
C PHE A 205 0.60 -6.24 -2.90
N THR A 206 1.37 -5.18 -2.70
CA THR A 206 1.02 -3.89 -3.29
C THR A 206 0.85 -3.86 -4.81
N HIS A 207 1.42 -4.82 -5.53
CA HIS A 207 1.30 -4.77 -6.98
C HIS A 207 -0.03 -5.22 -7.54
N GLN A 208 -0.86 -5.85 -6.71
CA GLN A 208 -2.16 -6.29 -7.21
C GLN A 208 -3.07 -5.10 -7.48
N PHE A 209 -2.78 -3.95 -6.88
CA PHE A 209 -3.60 -2.76 -7.12
C PHE A 209 -2.83 -1.60 -7.76
N PHE A 210 -1.51 -1.60 -7.60
CA PHE A 210 -0.66 -0.58 -8.21
C PHE A 210 -0.09 -1.15 -9.51
N LYS A 211 -0.66 -0.77 -10.64
CA LYS A 211 -0.17 -1.26 -11.93
C LYS A 211 -0.36 -0.16 -12.98
N THR A 212 0.62 0.73 -13.07
CA THR A 212 0.52 1.82 -14.02
C THR A 212 0.91 1.30 -15.39
N SER A 213 0.35 1.90 -16.42
CA SER A 213 0.64 1.52 -17.80
C SER A 213 1.31 2.66 -18.55
N GLY A 214 2.37 2.34 -19.29
CA GLY A 214 3.04 3.37 -20.07
C GLY A 214 2.13 3.74 -21.22
N LYS A 215 1.25 2.79 -21.55
CA LYS A 215 0.28 2.96 -22.62
C LYS A 215 -0.56 4.22 -22.41
N MET A 216 -1.46 4.17 -21.42
CA MET A 216 -2.31 5.32 -21.12
C MET A 216 -1.48 6.36 -20.36
N GLY A 217 -0.42 5.88 -19.70
CA GLY A 217 0.44 6.79 -18.98
C GLY A 217 0.17 6.94 -17.50
N PRO A 218 0.90 7.85 -16.84
CA PRO A 218 0.71 8.07 -15.40
C PRO A 218 -0.73 8.47 -15.14
N GLY A 219 -1.22 8.14 -13.94
CA GLY A 219 -2.58 8.49 -13.59
C GLY A 219 -3.65 7.50 -14.00
N PHE A 220 -3.23 6.42 -14.66
CA PHE A 220 -4.14 5.37 -15.11
C PHE A 220 -3.70 4.05 -14.50
N THR A 221 -4.51 3.01 -14.64
CA THR A 221 -4.14 1.73 -14.06
C THR A 221 -4.70 0.51 -14.77
N LYS A 222 -3.86 -0.51 -14.90
CA LYS A 222 -4.28 -1.73 -15.54
C LYS A 222 -5.09 -2.53 -14.55
N ALA A 223 -4.55 -2.61 -13.32
CA ALA A 223 -5.16 -3.34 -12.20
C ALA A 223 -6.50 -2.76 -11.80
N LEU A 224 -7.51 -3.07 -12.60
CA LEU A 224 -8.85 -2.62 -12.32
C LEU A 224 -9.26 -3.46 -11.10
N GLY A 225 -10.47 -3.26 -10.58
CA GLY A 225 -10.87 -4.03 -9.42
C GLY A 225 -10.42 -3.30 -8.18
N HIS A 226 -9.26 -2.65 -8.30
CA HIS A 226 -8.67 -1.87 -7.24
C HIS A 226 -8.78 -2.51 -5.88
N GLY A 227 -7.66 -2.98 -5.35
CA GLY A 227 -7.73 -3.60 -4.05
C GLY A 227 -7.27 -5.04 -4.00
N VAL A 228 -7.59 -5.69 -2.88
CA VAL A 228 -7.20 -7.07 -2.68
C VAL A 228 -8.04 -8.10 -3.41
N ASP A 229 -7.73 -8.32 -4.69
CA ASP A 229 -8.46 -9.30 -5.48
C ASP A 229 -7.49 -10.39 -5.93
N LEU A 230 -6.24 -10.24 -5.53
CA LEU A 230 -5.19 -11.19 -5.89
C LEU A 230 -4.96 -11.25 -7.41
N GLY A 231 -5.31 -10.17 -8.10
CA GLY A 231 -5.11 -10.05 -9.53
C GLY A 231 -3.63 -9.90 -9.83
N HIS A 232 -2.85 -10.59 -9.00
CA HIS A 232 -1.41 -10.62 -9.11
C HIS A 232 -1.14 -12.10 -8.92
N ILE A 233 -2.22 -12.86 -9.06
CA ILE A 233 -2.19 -14.30 -8.95
C ILE A 233 -3.06 -14.82 -10.09
N TYR A 234 -4.37 -14.64 -9.94
CA TYR A 234 -5.34 -15.08 -10.93
C TYR A 234 -5.31 -14.17 -12.16
N GLY A 235 -4.37 -13.24 -12.19
CA GLY A 235 -4.29 -12.34 -13.32
C GLY A 235 -5.31 -11.23 -13.31
N ASP A 236 -5.02 -10.16 -14.04
CA ASP A 236 -5.87 -8.99 -14.12
C ASP A 236 -6.84 -8.93 -15.30
N ASN A 237 -7.12 -10.05 -15.94
CA ASN A 237 -8.10 -10.11 -17.05
C ASN A 237 -8.59 -11.55 -17.12
N LEU A 238 -9.83 -11.76 -17.56
CA LEU A 238 -10.36 -13.13 -17.59
C LEU A 238 -9.52 -14.13 -18.37
N GLU A 239 -9.15 -13.74 -19.58
CA GLU A 239 -8.32 -14.55 -20.47
C GLU A 239 -7.07 -15.09 -19.74
N ARG A 240 -6.20 -14.17 -19.32
CA ARG A 240 -4.97 -14.51 -18.62
C ARG A 240 -5.18 -15.52 -17.48
N GLN A 241 -6.32 -15.41 -16.81
CA GLN A 241 -6.67 -16.31 -15.71
C GLN A 241 -6.81 -17.70 -16.30
N TYR A 242 -7.71 -17.80 -17.27
CA TYR A 242 -8.00 -19.05 -17.97
C TYR A 242 -6.70 -19.67 -18.47
N GLN A 243 -5.90 -18.87 -19.17
CA GLN A 243 -4.63 -19.37 -19.69
C GLN A 243 -3.70 -19.82 -18.56
N LEU A 244 -4.11 -19.53 -17.32
CA LEU A 244 -3.31 -19.90 -16.14
C LEU A 244 -3.97 -21.04 -15.36
N ARG A 245 -5.28 -21.16 -15.49
CA ARG A 245 -6.02 -22.19 -14.79
C ARG A 245 -5.93 -23.56 -15.44
N LEU A 246 -5.71 -24.58 -14.61
CA LEU A 246 -5.60 -25.96 -15.05
C LEU A 246 -6.98 -26.60 -15.27
N PHE A 247 -8.01 -25.77 -15.29
CA PHE A 247 -9.39 -26.20 -15.47
C PHE A 247 -9.76 -27.61 -15.09
N LYS A 248 -9.16 -28.11 -14.00
CA LYS A 248 -9.43 -29.45 -13.47
C LYS A 248 -9.35 -29.35 -11.94
N ASP A 249 -10.31 -29.94 -11.25
CA ASP A 249 -10.36 -29.86 -9.79
C ASP A 249 -10.08 -28.45 -9.24
N GLY A 250 -10.44 -27.44 -10.05
CA GLY A 250 -10.28 -26.05 -9.67
C GLY A 250 -8.90 -25.53 -9.30
N LYS A 251 -7.84 -26.26 -9.64
CA LYS A 251 -6.50 -25.80 -9.31
C LYS A 251 -5.87 -24.98 -10.43
N LEU A 252 -4.66 -24.51 -10.16
CA LEU A 252 -3.91 -23.73 -11.12
C LEU A 252 -2.78 -24.63 -11.59
N LYS A 253 -2.42 -24.52 -12.87
CA LYS A 253 -1.36 -25.34 -13.44
C LYS A 253 -0.11 -25.19 -12.60
N TYR A 254 0.88 -26.04 -12.81
CA TYR A 254 2.10 -25.96 -12.04
C TYR A 254 3.07 -27.03 -12.54
N GLN A 255 4.23 -27.13 -11.90
CA GLN A 255 5.24 -28.11 -12.31
C GLN A 255 6.15 -28.54 -11.16
N MET A 256 6.39 -29.85 -11.08
CA MET A 256 7.24 -30.40 -10.03
C MET A 256 8.71 -30.26 -10.39
N LEU A 257 9.40 -29.36 -9.70
CA LEU A 257 10.82 -29.16 -9.94
C LEU A 257 11.53 -29.55 -8.65
N ASN A 258 12.13 -30.74 -8.65
CA ASN A 258 12.87 -31.29 -7.52
C ASN A 258 11.93 -31.91 -6.47
N GLY A 259 10.67 -32.12 -6.85
CA GLY A 259 9.70 -32.70 -5.93
C GLY A 259 8.74 -31.62 -5.45
N GLU A 260 9.26 -30.40 -5.38
CA GLU A 260 8.50 -29.24 -4.94
C GLU A 260 7.66 -28.67 -6.07
N VAL A 261 6.54 -28.05 -5.72
CA VAL A 261 5.63 -27.45 -6.68
C VAL A 261 6.05 -26.01 -7.00
N TYR A 262 5.81 -25.57 -8.24
CA TYR A 262 6.16 -24.22 -8.66
C TYR A 262 5.21 -23.76 -9.75
N PRO A 263 5.23 -22.47 -10.08
CA PRO A 263 4.32 -22.02 -11.13
C PRO A 263 4.67 -22.70 -12.44
N PRO A 264 3.71 -22.82 -13.36
CA PRO A 264 3.98 -23.45 -14.64
C PRO A 264 4.81 -22.49 -15.51
N SER A 265 5.50 -23.03 -16.51
CA SER A 265 6.31 -22.21 -17.41
C SER A 265 5.40 -21.69 -18.51
N VAL A 266 5.84 -20.61 -19.16
CA VAL A 266 5.05 -20.02 -20.23
C VAL A 266 4.95 -21.01 -21.41
N GLU A 267 5.75 -22.07 -21.35
CA GLU A 267 5.74 -23.11 -22.40
C GLU A 267 4.51 -23.99 -22.24
N GLU A 268 3.90 -23.94 -21.05
CA GLU A 268 2.69 -24.72 -20.78
C GLU A 268 1.55 -23.76 -20.45
N ALA A 269 1.89 -22.47 -20.38
CA ALA A 269 0.95 -21.39 -20.09
C ALA A 269 1.37 -20.13 -20.85
N PRO A 270 0.62 -19.79 -21.91
CA PRO A 270 0.91 -18.61 -22.73
C PRO A 270 0.79 -17.23 -22.09
N VAL A 271 0.84 -17.16 -20.76
CA VAL A 271 0.72 -15.85 -20.11
C VAL A 271 1.87 -14.91 -20.52
N LEU A 272 1.50 -13.70 -20.92
CA LEU A 272 2.46 -12.69 -21.34
C LEU A 272 3.30 -12.14 -20.18
N MET A 273 4.58 -12.53 -20.11
CA MET A 273 5.49 -12.07 -19.06
C MET A 273 6.48 -10.96 -19.49
N HIS A 274 7.46 -10.67 -18.64
CA HIS A 274 8.44 -9.62 -18.93
C HIS A 274 9.90 -10.03 -18.74
N TYR A 275 10.14 -11.33 -18.68
CA TYR A 275 11.48 -11.87 -18.52
C TYR A 275 12.45 -11.30 -19.57
N PRO A 276 13.77 -11.42 -19.32
CA PRO A 276 14.77 -10.92 -20.27
C PRO A 276 14.98 -11.99 -21.36
N ARG A 277 15.16 -11.56 -22.61
CA ARG A 277 15.34 -12.47 -23.73
C ARG A 277 16.39 -13.55 -23.44
N GLY A 278 16.01 -14.52 -22.60
CA GLY A 278 16.95 -15.56 -22.22
C GLY A 278 16.53 -16.98 -22.58
N ILE A 279 16.07 -17.73 -21.58
CA ILE A 279 15.63 -19.11 -21.81
C ILE A 279 14.13 -19.23 -21.62
N PRO A 280 13.34 -18.42 -22.37
CA PRO A 280 11.86 -18.41 -22.29
C PRO A 280 11.16 -19.74 -21.99
N PRO A 281 11.70 -20.88 -22.46
CA PRO A 281 11.02 -22.15 -22.16
C PRO A 281 10.93 -22.45 -20.67
N GLN A 282 11.89 -23.22 -20.16
CA GLN A 282 11.90 -23.55 -18.74
C GLN A 282 12.41 -22.34 -17.95
N SER A 283 12.31 -22.42 -16.63
CA SER A 283 12.77 -21.33 -15.77
C SER A 283 11.99 -20.03 -15.99
N GLN A 284 11.26 -19.93 -17.09
CA GLN A 284 10.46 -18.75 -17.40
C GLN A 284 9.02 -19.05 -16.99
N MET A 285 8.71 -18.83 -15.71
CA MET A 285 7.40 -19.12 -15.13
C MET A 285 6.30 -18.07 -15.35
N ALA A 286 5.04 -18.53 -15.37
CA ALA A 286 3.88 -17.64 -15.54
C ALA A 286 3.19 -17.52 -14.16
N VAL A 287 2.94 -16.29 -13.73
CA VAL A 287 2.37 -16.09 -12.41
C VAL A 287 1.06 -15.31 -12.30
N GLY A 288 0.88 -14.30 -13.12
CA GLY A 288 -0.34 -13.53 -13.02
C GLY A 288 0.01 -12.06 -12.90
N GLN A 289 1.18 -11.82 -12.31
CA GLN A 289 1.69 -10.47 -12.18
C GLN A 289 2.88 -10.43 -13.15
N GLU A 290 2.61 -9.84 -14.31
CA GLU A 290 3.57 -9.71 -15.39
C GLU A 290 5.03 -9.58 -14.97
N VAL A 291 5.30 -8.82 -13.91
CA VAL A 291 6.69 -8.63 -13.52
C VAL A 291 7.30 -9.57 -12.47
N PHE A 292 6.51 -10.41 -11.83
CA PHE A 292 7.05 -11.29 -10.79
C PHE A 292 8.25 -12.21 -11.10
N GLY A 293 8.85 -12.04 -12.27
CA GLY A 293 10.01 -12.87 -12.62
C GLY A 293 11.32 -12.16 -12.34
N LEU A 294 11.24 -10.83 -12.30
CA LEU A 294 12.41 -9.99 -12.07
C LEU A 294 12.99 -10.01 -10.67
N LEU A 295 12.46 -10.87 -9.79
CA LEU A 295 12.94 -10.97 -8.40
C LEU A 295 12.51 -12.29 -7.77
N PRO A 296 13.44 -13.01 -7.14
CA PRO A 296 13.14 -14.29 -6.49
C PRO A 296 12.06 -14.17 -5.41
N GLY A 297 12.04 -13.03 -4.73
CA GLY A 297 11.06 -12.81 -3.68
C GLY A 297 9.64 -12.85 -4.20
N LEU A 298 9.35 -11.98 -5.16
CA LEU A 298 8.02 -11.90 -5.74
C LEU A 298 7.60 -13.22 -6.36
N MET A 299 8.53 -13.91 -7.01
CA MET A 299 8.20 -15.21 -7.59
C MET A 299 7.93 -16.14 -6.42
N LEU A 300 8.86 -16.16 -5.46
CA LEU A 300 8.74 -16.99 -4.26
C LEU A 300 7.31 -16.92 -3.77
N TYR A 301 6.91 -15.75 -3.31
CA TYR A 301 5.55 -15.58 -2.83
C TYR A 301 4.53 -16.09 -3.85
N ALA A 302 4.56 -15.56 -5.08
CA ALA A 302 3.63 -16.00 -6.16
C ALA A 302 3.43 -17.50 -6.10
N THR A 303 4.54 -18.17 -5.77
CA THR A 303 4.61 -19.61 -5.63
C THR A 303 3.78 -20.02 -4.43
N ILE A 304 4.22 -19.55 -3.25
CA ILE A 304 3.56 -19.84 -1.99
C ILE A 304 2.04 -19.76 -2.09
N TRP A 305 1.55 -18.60 -2.54
CA TRP A 305 0.10 -18.44 -2.67
C TRP A 305 -0.47 -19.51 -3.58
N LEU A 306 0.10 -19.66 -4.77
CA LEU A 306 -0.37 -20.67 -5.70
C LEU A 306 -0.40 -22.02 -4.99
N ARG A 307 0.68 -22.35 -4.31
CA ARG A 307 0.74 -23.60 -3.57
C ARG A 307 -0.54 -23.70 -2.76
N GLU A 308 -0.79 -22.66 -1.95
CA GLU A 308 -1.97 -22.57 -1.10
C GLU A 308 -3.26 -22.78 -1.87
N HIS A 309 -3.53 -21.90 -2.83
CA HIS A 309 -4.74 -21.99 -3.61
C HIS A 309 -5.15 -23.45 -3.90
N ASN A 310 -4.31 -24.14 -4.65
CA ASN A 310 -4.57 -25.53 -4.97
C ASN A 310 -4.79 -26.23 -3.66
N ARG A 311 -3.93 -25.96 -2.69
CA ARG A 311 -4.03 -26.58 -1.37
C ARG A 311 -5.47 -26.48 -0.82
N VAL A 312 -6.08 -25.30 -0.92
CA VAL A 312 -7.44 -25.13 -0.41
C VAL A 312 -8.44 -25.88 -1.29
N CYS A 313 -8.13 -25.99 -2.58
CA CYS A 313 -9.02 -26.70 -3.49
C CYS A 313 -9.15 -28.12 -3.00
N ASP A 314 -8.02 -28.73 -2.68
CA ASP A 314 -8.00 -30.08 -2.18
C ASP A 314 -9.00 -30.17 -1.03
N LEU A 315 -8.86 -29.25 -0.09
CA LEU A 315 -9.75 -29.15 1.08
C LEU A 315 -11.22 -29.05 0.72
N LEU A 316 -11.55 -28.07 -0.11
CA LEU A 316 -12.93 -27.86 -0.54
C LEU A 316 -13.53 -29.10 -1.17
N LYS A 317 -12.92 -29.54 -2.27
CA LYS A 317 -13.34 -30.71 -3.05
C LYS A 317 -13.72 -31.90 -2.21
N ALA A 318 -13.25 -31.92 -0.96
CA ALA A 318 -13.54 -33.03 -0.07
C ALA A 318 -14.88 -32.80 0.63
N GLU A 319 -15.12 -31.55 0.98
CA GLU A 319 -16.33 -31.16 1.66
C GLU A 319 -17.44 -31.11 0.65
N HIS A 320 -17.09 -30.81 -0.60
CA HIS A 320 -18.08 -30.71 -1.66
C HIS A 320 -17.61 -31.38 -2.95
N PRO A 321 -17.72 -32.72 -3.03
CA PRO A 321 -17.28 -33.40 -4.24
C PRO A 321 -18.07 -32.98 -5.48
N THR A 322 -19.39 -32.92 -5.36
CA THR A 322 -20.24 -32.55 -6.48
C THR A 322 -19.79 -31.28 -7.20
N TRP A 323 -19.17 -30.38 -6.44
CA TRP A 323 -18.68 -29.12 -6.98
C TRP A 323 -17.89 -29.14 -8.30
N GLY A 324 -18.29 -28.29 -9.25
CA GLY A 324 -17.60 -28.23 -10.53
C GLY A 324 -16.24 -27.54 -10.47
N ASP A 325 -15.73 -27.12 -11.61
CA ASP A 325 -14.44 -26.43 -11.68
C ASP A 325 -14.55 -25.00 -11.17
N GLU A 326 -15.42 -24.22 -11.82
CA GLU A 326 -15.65 -22.82 -11.45
C GLU A 326 -15.85 -22.60 -9.93
N GLN A 327 -16.74 -23.37 -9.31
CA GLN A 327 -16.97 -23.23 -7.88
C GLN A 327 -15.70 -23.55 -7.13
N LEU A 328 -15.12 -24.72 -7.42
CA LEU A 328 -13.88 -25.10 -6.75
C LEU A 328 -12.77 -24.13 -7.10
N PHE A 329 -13.13 -23.02 -7.72
CA PHE A 329 -12.15 -22.03 -8.07
C PHE A 329 -12.53 -20.73 -7.41
N GLN A 330 -13.74 -20.26 -7.64
CA GLN A 330 -14.18 -19.00 -7.02
C GLN A 330 -14.06 -19.09 -5.50
N THR A 331 -14.62 -20.14 -4.92
CA THR A 331 -14.55 -20.32 -3.48
C THR A 331 -13.09 -20.33 -3.07
N ALA A 332 -12.27 -21.06 -3.81
CA ALA A 332 -10.85 -21.13 -3.47
C ALA A 332 -10.27 -19.72 -3.45
N ARG A 333 -10.54 -18.94 -4.49
CA ARG A 333 -10.03 -17.58 -4.58
C ARG A 333 -10.38 -16.84 -3.29
N LEU A 334 -11.66 -16.53 -3.12
CA LEU A 334 -12.18 -15.85 -1.96
C LEU A 334 -11.44 -16.19 -0.64
N ILE A 335 -11.22 -17.48 -0.39
CA ILE A 335 -10.49 -17.93 0.81
C ILE A 335 -9.09 -17.28 0.85
N LEU A 336 -8.57 -16.94 -0.32
CA LEU A 336 -7.27 -16.31 -0.40
C LEU A 336 -7.41 -14.80 -0.17
N ILE A 337 -8.53 -14.24 -0.57
CA ILE A 337 -8.77 -12.81 -0.35
C ILE A 337 -8.94 -12.67 1.16
N GLY A 338 -9.52 -13.69 1.78
CA GLY A 338 -9.67 -13.65 3.23
C GLY A 338 -8.28 -13.73 3.83
N GLU A 339 -7.70 -14.92 3.80
CA GLU A 339 -6.36 -15.08 4.32
C GLU A 339 -5.42 -13.88 4.04
N THR A 340 -5.55 -13.26 2.88
CA THR A 340 -4.66 -12.14 2.58
C THR A 340 -5.05 -10.94 3.42
N ILE A 341 -6.28 -10.47 3.25
CA ILE A 341 -6.77 -9.32 4.00
C ILE A 341 -6.51 -9.54 5.49
N LYS A 342 -6.55 -10.81 5.88
CA LYS A 342 -6.34 -11.23 7.24
C LYS A 342 -4.92 -10.95 7.64
N ILE A 343 -3.98 -11.65 7.02
CA ILE A 343 -2.56 -11.45 7.35
C ILE A 343 -2.12 -10.00 7.28
N VAL A 344 -2.57 -9.28 6.24
CA VAL A 344 -2.17 -7.89 6.09
C VAL A 344 -2.48 -7.07 7.34
N ILE A 345 -3.68 -7.19 7.87
CA ILE A 345 -4.02 -6.44 9.06
C ILE A 345 -3.39 -6.97 10.36
N GLU A 346 -3.83 -8.15 10.83
CA GLU A 346 -3.32 -8.68 12.08
C GLU A 346 -1.81 -8.97 12.22
N GLU A 347 -1.08 -8.97 11.12
CA GLU A 347 0.38 -9.23 11.15
C GLU A 347 1.22 -8.24 10.35
N TYR A 348 0.85 -8.03 9.09
CA TYR A 348 1.60 -7.10 8.27
C TYR A 348 1.48 -5.69 8.88
N ALA A 349 0.26 -5.19 8.94
CA ALA A 349 0.01 -3.86 9.48
C ALA A 349 0.56 -3.76 10.90
N GLN A 350 0.35 -4.80 11.71
CA GLN A 350 0.83 -4.83 13.09
C GLN A 350 2.29 -4.39 13.12
N GLN A 351 3.17 -5.27 12.66
CA GLN A 351 4.61 -5.01 12.60
C GLN A 351 4.96 -3.59 12.17
N LEU A 352 4.35 -3.16 11.07
CA LEU A 352 4.63 -1.83 10.55
C LEU A 352 4.31 -0.74 11.57
N SER A 353 3.07 -0.76 12.07
CA SER A 353 2.59 0.24 13.05
C SER A 353 3.42 0.35 14.32
N GLY A 354 3.70 -0.80 14.95
CA GLY A 354 4.46 -0.80 16.18
C GLY A 354 3.57 -0.56 17.38
N TYR A 355 2.27 -0.50 17.12
CA TYR A 355 1.30 -0.29 18.18
C TYR A 355 1.34 -1.47 19.13
N PHE A 356 0.81 -1.28 20.34
CA PHE A 356 0.74 -2.34 21.34
C PHE A 356 -0.67 -2.89 21.27
N LEU A 357 -1.57 -2.10 20.67
CA LEU A 357 -2.94 -2.52 20.51
C LEU A 357 -2.93 -3.60 19.45
N GLN A 358 -3.46 -4.78 19.76
CA GLN A 358 -3.47 -5.86 18.80
C GLN A 358 -4.44 -5.65 17.65
N LEU A 359 -3.96 -5.12 16.52
CA LEU A 359 -4.82 -4.91 15.36
C LEU A 359 -5.65 -6.17 15.17
N LYS A 360 -6.86 -6.03 14.64
CA LYS A 360 -7.73 -7.18 14.46
C LYS A 360 -8.68 -7.12 13.26
N PHE A 361 -8.70 -8.20 12.51
CA PHE A 361 -9.55 -8.30 11.34
C PHE A 361 -10.87 -9.02 11.62
N ASP A 362 -11.95 -8.24 11.68
CA ASP A 362 -13.27 -8.78 11.91
C ASP A 362 -14.34 -7.87 11.30
N PRO A 363 -14.76 -8.17 10.07
CA PRO A 363 -15.77 -7.41 9.32
C PRO A 363 -16.98 -6.94 10.12
N GLU A 364 -17.39 -7.70 11.13
CA GLU A 364 -18.54 -7.35 11.93
C GLU A 364 -18.40 -6.03 12.70
N LEU A 365 -17.17 -5.58 12.93
CA LEU A 365 -16.91 -4.34 13.65
C LEU A 365 -17.48 -3.11 12.98
N LEU A 366 -17.93 -3.27 11.74
CA LEU A 366 -18.47 -2.16 10.96
C LEU A 366 -19.92 -2.45 10.62
N PHE A 367 -20.41 -3.62 10.99
CA PHE A 367 -21.79 -3.97 10.67
C PHE A 367 -22.81 -3.01 11.26
N GLY A 368 -22.37 -2.12 12.15
CA GLY A 368 -23.29 -1.16 12.74
C GLY A 368 -22.98 0.24 12.28
N ALA A 369 -21.85 0.38 11.59
CA ALA A 369 -21.40 1.66 11.08
C ALA A 369 -21.91 1.93 9.67
N GLN A 370 -21.79 3.20 9.25
CA GLN A 370 -22.17 3.60 7.92
C GLN A 370 -20.86 3.49 7.14
N PHE A 371 -20.80 2.57 6.18
CA PHE A 371 -19.57 2.35 5.43
C PHE A 371 -19.88 1.89 4.01
N GLN A 372 -19.14 2.41 3.05
CA GLN A 372 -19.36 2.01 1.66
C GLN A 372 -18.40 0.88 1.37
N TYR A 373 -18.92 -0.27 0.99
CA TYR A 373 -18.06 -1.41 0.70
C TYR A 373 -17.48 -1.37 -0.72
N ARG A 374 -16.63 -0.37 -0.98
CA ARG A 374 -16.01 -0.17 -2.28
C ARG A 374 -14.77 0.70 -2.13
N ASN A 375 -13.67 0.34 -2.77
CA ASN A 375 -12.46 1.17 -2.71
C ASN A 375 -12.04 1.56 -4.11
N ARG A 376 -11.06 2.46 -4.18
CA ARG A 376 -10.53 2.94 -5.45
C ARG A 376 -9.14 3.49 -5.23
N ILE A 377 -8.13 2.78 -5.70
CA ILE A 377 -6.76 3.22 -5.54
C ILE A 377 -6.53 4.68 -5.92
N ALA A 378 -5.70 5.35 -5.13
CA ALA A 378 -5.42 6.75 -5.35
C ALA A 378 -3.97 7.01 -5.71
N MET A 379 -3.75 7.92 -6.65
CA MET A 379 -2.39 8.25 -7.06
C MET A 379 -1.54 8.60 -5.85
N GLU A 380 -2.10 9.38 -4.93
CA GLU A 380 -1.36 9.76 -3.73
C GLU A 380 -1.04 8.53 -2.89
N PHE A 381 -1.96 7.56 -2.88
CA PHE A 381 -1.69 6.36 -2.09
C PHE A 381 -0.51 5.69 -2.75
N ASN A 382 -0.58 5.56 -4.07
CA ASN A 382 0.47 4.98 -4.89
C ASN A 382 1.83 5.54 -4.46
N GLN A 383 2.09 6.78 -4.83
CA GLN A 383 3.35 7.42 -4.50
C GLN A 383 3.87 7.15 -3.09
N LEU A 384 2.96 7.24 -2.13
CA LEU A 384 3.24 7.05 -0.70
C LEU A 384 3.75 5.67 -0.31
N TYR A 385 3.21 4.66 -0.96
CA TYR A 385 3.58 3.27 -0.67
C TYR A 385 4.95 2.85 -1.19
N HIS A 386 5.72 3.81 -1.66
CA HIS A 386 7.04 3.49 -2.17
C HIS A 386 8.05 3.28 -1.04
N PHE A 387 8.06 2.06 -0.51
CA PHE A 387 8.96 1.72 0.57
C PHE A 387 10.28 1.15 0.02
N HIS A 388 10.68 1.62 -1.16
CA HIS A 388 11.91 1.13 -1.77
C HIS A 388 13.10 1.14 -0.80
N PRO A 389 13.18 2.17 0.07
CA PRO A 389 14.30 2.18 1.01
C PRO A 389 14.33 0.98 1.95
N LEU A 390 13.32 0.12 1.86
CA LEU A 390 13.27 -1.08 2.71
C LEU A 390 14.33 -2.06 2.21
N MET A 391 14.56 -2.05 0.90
CA MET A 391 15.53 -2.94 0.26
C MET A 391 16.96 -2.66 0.70
N PRO A 392 17.66 -3.73 1.07
CA PRO A 392 19.05 -3.74 1.53
C PRO A 392 20.10 -3.21 0.55
N ASP A 393 21.35 -3.57 0.83
CA ASP A 393 22.49 -3.22 0.00
C ASP A 393 22.71 -4.44 -0.88
N SER A 394 22.75 -5.60 -0.25
CA SER A 394 22.92 -6.88 -0.91
C SER A 394 21.87 -7.82 -0.33
N PHE A 395 21.78 -9.03 -0.86
CA PHE A 395 20.80 -10.00 -0.38
C PHE A 395 21.48 -11.26 0.15
N ARG A 396 21.55 -11.38 1.47
CA ARG A 396 22.19 -12.51 2.10
C ARG A 396 21.29 -13.75 2.15
N VAL A 397 21.80 -14.87 1.67
CA VAL A 397 21.04 -16.12 1.69
C VAL A 397 21.93 -17.18 2.33
N GLY A 398 21.99 -17.17 3.65
CA GLY A 398 22.83 -18.12 4.36
C GLY A 398 24.25 -17.61 4.24
N PRO A 399 25.24 -18.49 4.06
CA PRO A 399 26.61 -17.99 3.94
C PRO A 399 26.84 -17.18 2.65
N GLN A 400 26.00 -17.39 1.64
CA GLN A 400 26.11 -16.67 0.37
C GLN A 400 25.91 -15.17 0.61
N ASP A 401 25.82 -14.38 -0.46
CA ASP A 401 25.63 -12.93 -0.34
C ASP A 401 25.52 -12.26 -1.72
N TYR A 402 24.41 -12.52 -2.41
CA TYR A 402 24.13 -12.00 -3.75
C TYR A 402 24.01 -10.50 -3.95
N SER A 403 24.66 -9.99 -4.99
CA SER A 403 24.62 -8.59 -5.36
C SER A 403 23.38 -8.38 -6.18
N TYR A 404 22.90 -7.15 -6.24
CA TYR A 404 21.71 -6.85 -7.01
C TYR A 404 21.76 -7.52 -8.37
N GLU A 405 22.86 -7.24 -9.07
CA GLU A 405 23.13 -7.75 -10.40
C GLU A 405 22.88 -9.25 -10.50
N GLN A 406 23.42 -10.00 -9.55
CA GLN A 406 23.23 -11.44 -9.52
C GLN A 406 21.90 -11.87 -8.89
N PHE A 407 21.14 -10.90 -8.35
CA PHE A 407 19.85 -11.18 -7.74
C PHE A 407 18.76 -10.83 -8.72
N LEU A 408 18.77 -9.58 -9.16
CA LEU A 408 17.78 -9.15 -10.13
C LEU A 408 17.76 -10.10 -11.31
N PHE A 409 16.57 -10.28 -11.88
CA PHE A 409 16.34 -11.17 -13.01
C PHE A 409 16.96 -12.54 -12.85
N ASN A 410 17.63 -12.78 -11.73
CA ASN A 410 18.21 -14.08 -11.55
C ASN A 410 17.08 -15.09 -11.76
N THR A 411 17.40 -16.38 -11.85
CA THR A 411 16.35 -17.36 -12.06
C THR A 411 16.55 -18.60 -11.24
N SER A 412 17.67 -19.26 -11.46
CA SER A 412 18.00 -20.51 -10.77
C SER A 412 17.84 -20.44 -9.25
N MET A 413 18.00 -19.23 -8.69
CA MET A 413 17.92 -19.01 -7.23
C MET A 413 16.69 -19.55 -6.49
N LEU A 414 15.50 -19.29 -7.01
CA LEU A 414 14.29 -19.75 -6.35
C LEU A 414 14.18 -21.28 -6.26
N VAL A 415 14.40 -21.95 -7.39
CA VAL A 415 14.31 -23.40 -7.45
C VAL A 415 15.59 -24.07 -6.96
N ASP A 416 16.65 -23.29 -6.77
CA ASP A 416 17.90 -23.85 -6.27
C ASP A 416 17.80 -24.02 -4.76
N TYR A 417 17.59 -22.90 -4.08
CA TYR A 417 17.50 -22.89 -2.64
C TYR A 417 16.21 -23.55 -2.07
N GLY A 418 15.10 -23.39 -2.78
CA GLY A 418 13.86 -23.98 -2.31
C GLY A 418 13.11 -23.00 -1.43
N VAL A 419 11.78 -23.03 -1.47
CA VAL A 419 10.98 -22.10 -0.67
C VAL A 419 11.51 -22.03 0.76
N GLU A 420 11.26 -23.07 1.55
CA GLU A 420 11.69 -23.12 2.94
C GLU A 420 12.95 -22.31 3.23
N ALA A 421 14.10 -22.84 2.85
CA ALA A 421 15.37 -22.18 3.08
C ALA A 421 15.43 -20.73 2.57
N LEU A 422 14.83 -20.49 1.40
CA LEU A 422 14.85 -19.18 0.81
C LEU A 422 13.93 -18.18 1.53
N VAL A 423 13.06 -18.71 2.38
CA VAL A 423 12.17 -17.84 3.17
C VAL A 423 12.98 -17.56 4.44
N ASP A 424 13.42 -18.64 5.08
CA ASP A 424 14.22 -18.54 6.29
C ASP A 424 15.35 -17.53 6.10
N ALA A 425 15.64 -17.19 4.86
CA ALA A 425 16.70 -16.25 4.57
C ALA A 425 16.20 -14.81 4.67
N PHE A 426 15.05 -14.55 4.06
CA PHE A 426 14.51 -13.19 4.12
C PHE A 426 13.98 -12.88 5.51
N SER A 427 13.51 -13.92 6.19
CA SER A 427 12.99 -13.75 7.54
C SER A 427 14.10 -13.43 8.52
N ARG A 428 15.33 -13.37 8.02
CA ARG A 428 16.48 -13.08 8.88
C ARG A 428 17.21 -11.79 8.53
N GLN A 429 17.37 -11.52 7.24
CA GLN A 429 18.07 -10.30 6.83
C GLN A 429 17.17 -9.09 7.04
N PRO A 430 17.63 -8.11 7.82
CA PRO A 430 16.87 -6.88 8.11
C PRO A 430 16.53 -6.05 6.90
N ALA A 431 15.49 -5.24 7.06
CA ALA A 431 15.02 -4.34 6.01
C ALA A 431 15.61 -2.98 6.33
N GLY A 432 15.49 -2.04 5.41
CA GLY A 432 16.05 -0.72 5.68
C GLY A 432 15.00 0.19 6.25
N ARG A 433 15.41 1.22 7.00
CA ARG A 433 14.43 2.15 7.55
C ARG A 433 13.82 2.97 6.42
N ILE A 434 12.50 3.08 6.40
CA ILE A 434 11.86 3.87 5.37
C ILE A 434 12.03 5.36 5.61
N GLY A 435 12.04 5.79 6.86
CA GLY A 435 12.15 7.21 7.13
C GLY A 435 13.52 7.81 7.37
N GLY A 436 13.52 9.09 7.72
CA GLY A 436 14.78 9.77 7.99
C GLY A 436 15.35 10.43 6.76
N GLY A 437 15.39 9.67 5.67
CA GLY A 437 15.94 10.18 4.42
C GLY A 437 17.26 9.49 4.14
N ARG A 438 17.72 9.55 2.90
CA ARG A 438 18.98 8.93 2.50
C ARG A 438 19.04 7.45 2.82
N ASN A 439 18.21 6.66 2.15
CA ASN A 439 18.27 5.23 2.39
C ASN A 439 17.88 4.40 1.18
N ILE A 440 17.67 5.07 0.05
CA ILE A 440 17.32 4.38 -1.18
C ILE A 440 18.63 3.96 -1.88
N ASP A 441 18.89 2.65 -1.91
CA ASP A 441 20.08 2.11 -2.57
C ASP A 441 20.19 2.70 -3.98
N HIS A 442 21.42 2.89 -4.47
CA HIS A 442 21.65 3.48 -5.80
C HIS A 442 21.06 2.76 -7.00
N HIS A 443 21.00 1.43 -6.94
CA HIS A 443 20.47 0.66 -8.04
C HIS A 443 19.01 1.04 -8.30
N ILE A 444 18.22 1.02 -7.24
CA ILE A 444 16.80 1.36 -7.33
C ILE A 444 16.59 2.88 -7.23
N LEU A 445 17.61 3.61 -6.78
CA LEU A 445 17.48 5.05 -6.64
C LEU A 445 16.85 5.74 -7.84
N HIS A 446 16.81 5.08 -8.99
CA HIS A 446 16.21 5.69 -10.18
C HIS A 446 14.71 5.84 -10.04
N VAL A 447 14.10 4.86 -9.39
CA VAL A 447 12.66 4.86 -9.15
C VAL A 447 12.27 6.20 -8.53
N ALA A 448 12.81 6.43 -7.33
CA ALA A 448 12.55 7.65 -6.57
C ALA A 448 12.46 8.90 -7.42
N VAL A 449 13.33 9.00 -8.41
CA VAL A 449 13.32 10.17 -9.28
C VAL A 449 12.07 10.21 -10.17
N ASP A 450 11.64 9.06 -10.65
CA ASP A 450 10.45 9.01 -11.49
C ASP A 450 9.15 9.27 -10.71
N VAL A 451 9.20 9.04 -9.41
CA VAL A 451 8.06 9.26 -8.54
C VAL A 451 7.82 10.75 -8.44
N ILE A 452 8.89 11.50 -8.15
CA ILE A 452 8.76 12.94 -8.07
C ILE A 452 8.48 13.51 -9.45
N LYS A 453 9.05 12.89 -10.48
CA LYS A 453 8.83 13.36 -11.84
C LYS A 453 7.36 13.17 -12.19
N GLU A 454 6.83 12.01 -11.83
CA GLU A 454 5.43 11.69 -12.10
C GLU A 454 4.52 12.57 -11.21
N SER A 455 4.92 12.72 -9.95
CA SER A 455 4.19 13.56 -9.01
C SER A 455 4.00 14.91 -9.65
N ARG A 456 5.02 15.36 -10.36
CA ARG A 456 4.97 16.64 -11.05
C ARG A 456 4.10 16.52 -12.28
N VAL A 457 4.13 15.34 -12.89
CA VAL A 457 3.31 15.08 -14.08
C VAL A 457 1.88 15.30 -13.67
N LEU A 458 1.48 14.59 -12.61
CA LEU A 458 0.12 14.63 -12.07
C LEU A 458 -0.31 15.98 -11.49
N ARG A 459 0.61 16.72 -10.92
CA ARG A 459 0.28 18.01 -10.32
C ARG A 459 -0.47 17.82 -8.99
N LEU A 460 0.21 17.19 -8.03
CA LEU A 460 -0.29 16.94 -6.68
C LEU A 460 0.11 18.17 -5.91
N GLN A 461 -0.83 18.72 -5.13
CA GLN A 461 -0.58 19.92 -4.34
C GLN A 461 0.58 19.69 -3.39
N PRO A 462 1.03 20.73 -2.67
CA PRO A 462 2.15 20.57 -1.73
C PRO A 462 1.91 19.76 -0.44
N PHE A 463 2.98 19.18 0.08
CA PHE A 463 2.96 18.37 1.28
C PHE A 463 1.99 18.97 2.29
N ASN A 464 2.30 20.17 2.77
CA ASN A 464 1.44 20.84 3.72
C ASN A 464 -0.03 20.74 3.31
N GLU A 465 -0.32 20.97 2.03
CA GLU A 465 -1.69 20.86 1.59
C GLU A 465 -2.27 19.49 1.87
N TYR A 466 -1.43 18.45 1.75
CA TYR A 466 -1.88 17.09 2.02
C TYR A 466 -1.84 16.80 3.51
N ARG A 467 -0.97 17.50 4.24
CA ARG A 467 -0.90 17.31 5.69
C ARG A 467 -2.25 17.74 6.26
N LYS A 468 -2.79 18.85 5.75
CA LYS A 468 -4.07 19.35 6.20
C LYS A 468 -5.15 18.30 6.01
N ARG A 469 -5.43 17.96 4.76
CA ARG A 469 -6.48 16.97 4.49
C ARG A 469 -6.44 15.67 5.27
N PHE A 470 -5.31 15.36 5.88
CA PHE A 470 -5.25 14.15 6.67
C PHE A 470 -5.19 14.47 8.16
N GLY A 471 -5.89 15.54 8.52
CA GLY A 471 -6.00 15.98 9.90
C GLY A 471 -4.79 16.50 10.63
N MET A 472 -3.82 17.00 9.91
CA MET A 472 -2.64 17.54 10.55
C MET A 472 -2.47 19.03 10.28
N LYS A 473 -1.49 19.62 10.94
CA LYS A 473 -1.21 21.01 10.78
C LYS A 473 -0.05 21.07 9.79
N PRO A 474 0.06 22.14 9.02
CA PRO A 474 1.14 22.27 8.05
C PRO A 474 2.44 22.59 8.77
N TYR A 475 3.57 22.07 8.28
CA TYR A 475 4.83 22.39 8.93
C TYR A 475 5.10 23.86 8.68
N THR A 476 5.50 24.57 9.75
CA THR A 476 5.77 26.01 9.69
C THR A 476 7.12 26.37 9.09
N SER A 477 8.06 25.45 9.19
CA SER A 477 9.39 25.69 8.67
C SER A 477 10.03 24.39 8.24
N PHE A 478 11.03 24.48 7.36
CA PHE A 478 11.74 23.30 6.91
C PHE A 478 12.43 22.64 8.10
N GLN A 479 12.92 23.49 9.00
CA GLN A 479 13.60 23.01 10.20
C GLN A 479 12.67 22.10 11.01
N GLU A 480 11.41 22.53 11.18
CA GLU A 480 10.43 21.76 11.96
C GLU A 480 10.15 20.41 11.33
N LEU A 481 10.22 20.38 10.00
CA LEU A 481 9.97 19.16 9.22
C LEU A 481 10.98 18.05 9.49
N THR A 482 12.26 18.41 9.53
CA THR A 482 13.30 17.41 9.77
C THR A 482 14.02 17.69 11.07
N GLY A 483 14.24 16.63 11.85
CA GLY A 483 14.91 16.79 13.13
C GLY A 483 16.14 17.68 13.14
N GLU A 484 16.99 17.56 12.14
CA GLU A 484 18.21 18.36 12.07
C GLU A 484 18.05 19.77 11.51
N LYS A 485 19.16 20.36 11.07
CA LYS A 485 19.18 21.72 10.52
C LYS A 485 19.87 21.78 9.18
N GLU A 486 20.73 20.80 8.90
CA GLU A 486 21.46 20.76 7.63
C GLU A 486 20.48 20.70 6.46
N MET A 487 19.96 19.50 6.19
CA MET A 487 19.00 19.30 5.10
C MET A 487 17.96 20.40 5.12
N ALA A 488 17.48 20.73 6.31
CA ALA A 488 16.49 21.77 6.48
C ALA A 488 16.80 23.04 5.68
N ALA A 489 17.92 23.67 5.99
CA ALA A 489 18.33 24.88 5.29
C ALA A 489 18.52 24.57 3.82
N GLU A 490 19.41 23.63 3.51
CA GLU A 490 19.67 23.27 2.12
C GLU A 490 18.39 23.09 1.31
N LEU A 491 17.36 22.56 1.96
CA LEU A 491 16.08 22.34 1.29
C LEU A 491 15.37 23.65 1.13
N GLU A 492 15.56 24.56 2.07
CA GLU A 492 14.92 25.85 1.94
C GLU A 492 15.47 26.58 0.72
N GLU A 493 16.80 26.54 0.54
CA GLU A 493 17.42 27.20 -0.61
C GLU A 493 17.26 26.24 -1.78
N LEU A 494 16.00 25.95 -2.10
CA LEU A 494 15.65 25.04 -3.18
C LEU A 494 14.17 25.22 -3.51
N TYR A 495 13.31 24.89 -2.54
CA TYR A 495 11.88 25.04 -2.73
C TYR A 495 11.53 26.47 -2.42
N GLY A 496 12.19 27.01 -1.39
CA GLY A 496 11.99 28.39 -1.01
C GLY A 496 10.92 28.71 0.02
N ASP A 497 10.17 27.70 0.42
CA ASP A 497 9.11 27.85 1.40
C ASP A 497 8.57 26.47 1.72
N ILE A 498 8.50 26.13 3.00
CA ILE A 498 7.99 24.84 3.44
C ILE A 498 6.67 24.54 2.71
N ASP A 499 5.94 25.59 2.37
CA ASP A 499 4.66 25.47 1.69
C ASP A 499 4.65 24.93 0.27
N ALA A 500 5.83 24.90 -0.37
CA ALA A 500 5.92 24.39 -1.74
C ALA A 500 6.63 23.05 -1.80
N LEU A 501 7.02 22.53 -0.63
CA LEU A 501 7.68 21.24 -0.52
C LEU A 501 6.77 20.28 -1.27
N GLU A 502 7.34 19.20 -1.82
CA GLU A 502 6.58 18.23 -2.58
C GLU A 502 5.95 17.11 -1.75
N PHE A 503 5.22 16.21 -2.41
CA PHE A 503 4.58 15.11 -1.69
C PHE A 503 5.54 13.96 -1.34
N TYR A 504 6.10 13.29 -2.34
CA TYR A 504 6.99 12.17 -2.09
C TYR A 504 8.23 12.54 -1.28
N PRO A 505 8.80 13.70 -1.55
CA PRO A 505 9.98 14.13 -0.81
C PRO A 505 9.71 14.38 0.68
N GLY A 506 8.62 15.09 0.96
CA GLY A 506 8.27 15.37 2.34
C GLY A 506 7.99 14.11 3.13
N LEU A 507 7.29 13.17 2.52
CA LEU A 507 6.98 11.93 3.21
C LEU A 507 8.22 11.20 3.64
N LEU A 508 9.21 11.13 2.75
CA LEU A 508 10.44 10.40 3.06
C LEU A 508 11.42 11.21 3.90
N LEU A 509 11.39 12.52 3.72
CA LEU A 509 12.28 13.44 4.40
C LEU A 509 11.84 13.90 5.77
N GLU A 510 10.68 13.46 6.20
CA GLU A 510 10.13 13.86 7.49
C GLU A 510 10.76 13.16 8.66
N LYS A 511 11.11 13.94 9.68
CA LYS A 511 11.70 13.39 10.89
C LYS A 511 10.78 12.25 11.28
N CYS A 512 11.28 11.02 11.25
CA CYS A 512 10.39 9.94 11.61
C CYS A 512 10.23 9.87 13.13
N HIS A 513 9.16 9.21 13.56
CA HIS A 513 8.85 9.06 14.98
C HIS A 513 10.01 8.41 15.75
N PRO A 514 10.01 8.56 17.08
CA PRO A 514 11.06 7.97 17.93
C PRO A 514 11.07 6.45 17.80
N ASN A 515 12.09 5.92 17.11
CA ASN A 515 12.21 4.48 16.92
C ASN A 515 11.19 3.91 15.94
N SER A 516 10.54 4.80 15.20
CA SER A 516 9.56 4.36 14.21
C SER A 516 10.30 3.99 12.94
N ILE A 517 9.62 3.26 12.06
CA ILE A 517 10.23 2.85 10.80
C ILE A 517 10.14 4.01 9.81
N PHE A 518 9.23 4.96 10.09
CA PHE A 518 9.08 6.12 9.25
C PHE A 518 8.36 7.26 9.98
N GLY A 519 8.40 8.44 9.38
CA GLY A 519 7.79 9.62 9.98
C GLY A 519 6.32 9.61 10.35
N GLU A 520 5.88 10.71 10.93
CA GLU A 520 4.50 10.88 11.34
C GLU A 520 3.56 10.69 10.16
N SER A 521 3.61 11.65 9.24
CA SER A 521 2.77 11.68 8.06
C SER A 521 2.58 10.36 7.34
N MET A 522 3.56 9.47 7.42
CA MET A 522 3.44 8.18 6.74
C MET A 522 2.20 7.39 7.20
N ILE A 523 2.06 7.15 8.50
CA ILE A 523 0.90 6.41 9.00
C ILE A 523 -0.36 7.24 8.94
N GLU A 524 -0.26 8.50 9.32
CA GLU A 524 -1.45 9.35 9.33
C GLU A 524 -2.13 9.46 7.97
N MET A 525 -1.32 9.31 6.90
CA MET A 525 -1.81 9.38 5.52
C MET A 525 -1.96 7.98 4.95
N GLY A 526 -1.11 7.06 5.40
CA GLY A 526 -1.13 5.70 4.91
C GLY A 526 -2.32 4.86 5.36
N ALA A 527 -2.57 4.87 6.66
CA ALA A 527 -3.66 4.12 7.28
C ALA A 527 -5.03 4.31 6.60
N PRO A 528 -5.52 5.55 6.56
CA PRO A 528 -6.82 5.77 5.92
C PRO A 528 -6.99 5.15 4.52
N PHE A 529 -5.93 5.07 3.73
CA PHE A 529 -6.02 4.47 2.40
C PHE A 529 -6.05 2.96 2.57
N SER A 530 -5.05 2.46 3.27
CA SER A 530 -4.88 1.03 3.52
C SER A 530 -6.08 0.32 4.10
N LEU A 531 -6.72 0.92 5.08
CA LEU A 531 -7.87 0.26 5.69
C LEU A 531 -9.09 0.53 4.87
N LYS A 532 -9.25 1.76 4.41
CA LYS A 532 -10.43 2.08 3.62
C LYS A 532 -10.63 1.02 2.54
N GLY A 533 -9.52 0.57 1.96
CA GLY A 533 -9.59 -0.42 0.92
C GLY A 533 -9.44 -1.83 1.41
N LEU A 534 -8.78 -1.98 2.55
CA LEU A 534 -8.56 -3.30 3.14
C LEU A 534 -9.88 -3.91 3.63
N LEU A 535 -10.79 -3.06 4.13
CA LEU A 535 -12.09 -3.48 4.63
C LEU A 535 -13.21 -3.14 3.66
N GLY A 536 -12.88 -2.34 2.65
CA GLY A 536 -13.87 -1.93 1.66
C GLY A 536 -14.10 -3.02 0.61
N ASN A 537 -13.45 -4.15 0.82
CA ASN A 537 -13.56 -5.30 -0.08
C ASN A 537 -14.92 -5.94 0.10
N PRO A 538 -15.60 -6.26 -1.01
CA PRO A 538 -16.92 -6.90 -0.93
C PRO A 538 -17.03 -8.06 0.04
N ILE A 539 -16.00 -8.89 0.13
CA ILE A 539 -16.11 -10.01 1.05
C ILE A 539 -16.28 -9.52 2.48
N CYS A 540 -15.78 -8.33 2.79
CA CYS A 540 -15.87 -7.79 4.14
C CYS A 540 -17.26 -7.28 4.57
N SER A 541 -18.18 -7.23 3.61
CA SER A 541 -19.54 -6.77 3.88
C SER A 541 -20.39 -7.87 4.46
N PRO A 542 -21.54 -7.49 5.05
CA PRO A 542 -22.43 -8.49 5.64
C PRO A 542 -22.96 -9.44 4.56
N GLU A 543 -23.24 -8.88 3.38
CA GLU A 543 -23.76 -9.67 2.25
C GLU A 543 -22.91 -10.88 1.89
N TYR A 544 -21.58 -10.72 1.91
CA TYR A 544 -20.68 -11.81 1.57
C TYR A 544 -20.10 -12.55 2.78
N TRP A 545 -19.81 -11.84 3.87
CA TRP A 545 -19.20 -12.43 5.07
C TRP A 545 -19.99 -13.57 5.77
N LYS A 546 -20.21 -14.66 5.03
CA LYS A 546 -20.96 -15.82 5.52
C LYS A 546 -20.16 -17.08 5.26
N ALA A 547 -20.44 -18.13 6.00
CA ALA A 547 -19.71 -19.39 5.80
C ALA A 547 -20.01 -19.98 4.42
N SER A 548 -21.16 -19.66 3.86
CA SER A 548 -21.50 -20.19 2.56
C SER A 548 -20.56 -19.61 1.49
N THR A 549 -20.21 -18.34 1.62
CA THR A 549 -19.32 -17.69 0.65
C THR A 549 -17.96 -18.40 0.55
N PHE A 550 -17.74 -19.39 1.39
CA PHE A 550 -16.48 -20.09 1.40
C PHE A 550 -16.83 -21.56 1.51
N GLY A 551 -18.05 -21.87 1.09
CA GLY A 551 -18.53 -23.23 1.14
C GLY A 551 -18.12 -23.97 2.39
N GLY A 552 -19.00 -23.95 3.39
CA GLY A 552 -18.73 -24.66 4.63
C GLY A 552 -17.95 -23.83 5.64
N GLU A 553 -17.83 -24.35 6.86
CA GLU A 553 -17.10 -23.66 7.93
C GLU A 553 -15.60 -23.64 7.64
N VAL A 554 -15.08 -24.76 7.16
CA VAL A 554 -13.67 -24.93 6.81
C VAL A 554 -13.14 -23.71 6.07
N GLY A 555 -13.90 -23.26 5.08
CA GLY A 555 -13.48 -22.09 4.32
C GLY A 555 -13.33 -20.90 5.26
N PHE A 556 -14.42 -20.55 5.94
CA PHE A 556 -14.46 -19.43 6.89
C PHE A 556 -13.33 -19.50 7.91
N ASN A 557 -13.20 -20.64 8.57
CA ASN A 557 -12.14 -20.83 9.56
C ASN A 557 -10.74 -20.69 8.98
N LEU A 558 -10.61 -20.82 7.66
CA LEU A 558 -9.31 -20.66 7.03
C LEU A 558 -9.03 -19.17 6.98
N VAL A 559 -10.05 -18.42 6.62
CA VAL A 559 -9.91 -16.97 6.58
C VAL A 559 -9.77 -16.39 7.98
N LYS A 560 -10.45 -17.00 8.95
CA LYS A 560 -10.37 -16.52 10.32
C LYS A 560 -9.10 -16.98 11.05
N THR A 561 -8.36 -17.91 10.47
CA THR A 561 -7.15 -18.43 11.10
C THR A 561 -5.83 -18.16 10.35
N ALA A 562 -5.90 -17.52 9.18
CA ALA A 562 -4.69 -17.24 8.40
C ALA A 562 -3.55 -16.63 9.23
N THR A 563 -2.37 -17.20 9.10
CA THR A 563 -1.16 -16.73 9.79
C THR A 563 -0.13 -16.56 8.67
N LEU A 564 1.00 -15.94 8.95
CA LEU A 564 2.01 -15.83 7.91
C LEU A 564 2.70 -17.19 8.02
N LYS A 565 3.00 -17.58 9.26
CA LYS A 565 3.67 -18.86 9.58
C LYS A 565 2.92 -20.06 9.02
N LYS A 566 1.66 -19.87 8.67
CA LYS A 566 0.87 -20.95 8.10
C LYS A 566 0.90 -20.91 6.58
N LEU A 567 0.80 -19.71 6.00
CA LEU A 567 0.82 -19.60 4.55
C LEU A 567 2.04 -20.31 4.00
N VAL A 568 3.09 -20.34 4.80
CA VAL A 568 4.32 -21.01 4.42
C VAL A 568 4.32 -22.48 4.84
N CYS A 569 4.63 -22.73 6.10
CA CYS A 569 4.71 -24.07 6.65
C CYS A 569 3.59 -25.07 6.28
N LEU A 570 2.48 -24.59 5.75
CA LEU A 570 1.40 -25.49 5.37
C LEU A 570 1.58 -25.91 3.91
N ASN A 571 2.36 -25.13 3.19
CA ASN A 571 2.60 -25.44 1.81
C ASN A 571 4.06 -25.80 1.57
N THR A 572 4.70 -26.40 2.57
CA THR A 572 6.10 -26.78 2.41
C THR A 572 6.42 -28.17 2.96
N LYS A 573 7.69 -28.54 2.83
CA LYS A 573 8.19 -29.81 3.30
C LYS A 573 8.62 -29.61 4.74
N THR A 574 9.24 -28.47 5.01
CA THR A 574 9.68 -28.19 6.37
C THR A 574 9.30 -26.79 6.82
N CYS A 575 9.26 -26.61 8.13
CA CYS A 575 8.91 -25.34 8.72
C CYS A 575 10.14 -24.56 9.15
N PRO A 576 10.54 -23.56 8.35
CA PRO A 576 11.70 -22.70 8.57
C PRO A 576 11.28 -21.52 9.45
N TYR A 577 12.19 -20.62 9.78
CA TYR A 577 11.82 -19.46 10.58
C TYR A 577 11.13 -18.50 9.62
N VAL A 578 10.02 -17.93 10.07
CA VAL A 578 9.23 -17.02 9.26
C VAL A 578 8.48 -16.00 10.09
N SER A 579 8.64 -14.73 9.75
CA SER A 579 7.99 -13.63 10.44
C SER A 579 8.27 -12.31 9.73
N PHE A 580 7.53 -11.27 10.08
CA PHE A 580 7.74 -9.99 9.46
C PHE A 580 8.83 -9.21 10.17
N HIS A 581 9.56 -9.87 11.05
CA HIS A 581 10.64 -9.20 11.76
C HIS A 581 11.75 -10.18 12.05
N VAL A 582 12.98 -9.69 12.12
CA VAL A 582 14.14 -10.54 12.39
C VAL A 582 14.03 -11.20 13.75
N PRO A 583 14.65 -12.36 13.92
CA PRO A 583 14.57 -13.04 15.22
C PRO A 583 15.51 -12.35 16.21
N ASP A 584 15.23 -12.47 17.51
CA ASP A 584 16.07 -11.85 18.55
C ASP A 584 16.23 -10.32 18.43
#